data_6U83
#
_entry.id   6U83
#
_cell.length_a   113.788
_cell.length_b   134.971
_cell.length_c   31.206
_cell.angle_alpha   90.000
_cell.angle_beta   90.000
_cell.angle_gamma   90.000
#
_symmetry.space_group_name_H-M   'C 2 2 21'
#
loop_
_entity.id
_entity.type
_entity.pdbx_description
1 polymer 'Outer membrane associated protein'
2 non-polymer '4-(2-HYDROXYETHYL)-1-PIPERAZINE ETHANESULFONIC ACID'
3 non-polymer 'PENTAETHYLENE GLYCOL'
4 non-polymer D-ALANINE
5 water water
#
_entity_poly.entity_id   1
_entity_poly.type   'polypeptide(L)'
_entity_poly.pdbx_seq_one_letter_code
;SNAIQDNGATTAAQTVAMPTIDESKYVLPAGIKQCEGNFNLTEDGVACYTINGDDVTVYLDTKFAYDKATLNAKGKKAIA
SFVNFIKDSNISSVTVKGYASQGQTGSEFDIYNQKLSEKRAQAVADYMKQLGLDSEKIITKGFGYNDTLGGIHKSDPRNQ
RVEASVSAPLKEAN
;
_entity_poly.pdbx_strand_id   A
#
loop_
_chem_comp.id
_chem_comp.type
_chem_comp.name
_chem_comp.formula
1PE non-polymer 'PENTAETHYLENE GLYCOL' 'C10 H22 O6'
EPE non-polymer '4-(2-HYDROXYETHYL)-1-PIPERAZINE ETHANESULFONIC ACID' 'C8 H18 N2 O4 S'
#
# COMPACT_ATOMS: atom_id res chain seq x y z
N ILE A 21 -9.09 37.38 0.26
CA ILE A 21 -9.67 37.50 -1.07
C ILE A 21 -9.43 36.21 -1.87
N ASP A 22 -8.90 35.18 -1.21
CA ASP A 22 -8.61 33.93 -1.90
C ASP A 22 -9.89 33.13 -2.13
N GLU A 23 -9.94 32.46 -3.27
CA GLU A 23 -11.12 31.79 -3.74
C GLU A 23 -10.85 30.36 -4.20
N SER A 24 -9.59 29.96 -4.37
CA SER A 24 -9.25 28.65 -4.92
C SER A 24 -9.68 27.54 -3.98
N LYS A 25 -10.33 26.53 -4.56
CA LYS A 25 -10.82 25.38 -3.82
C LYS A 25 -10.10 24.12 -4.30
N TYR A 26 -9.49 23.40 -3.38
CA TYR A 26 -8.74 22.19 -3.68
C TYR A 26 -9.58 20.95 -3.38
N VAL A 27 -9.34 19.88 -4.14
CA VAL A 27 -10.14 18.66 -4.09
C VAL A 27 -9.24 17.50 -3.66
N LEU A 28 -9.80 16.59 -2.77
CA LEU A 28 -9.25 15.42 -2.08
C LEU A 28 -9.28 14.18 -2.98
N PRO A 29 -8.33 13.25 -2.77
CA PRO A 29 -8.26 12.07 -3.64
C PRO A 29 -9.55 11.25 -3.59
N ALA A 30 -10.01 10.83 -4.76
CA ALA A 30 -11.32 10.19 -4.92
C ALA A 30 -11.38 8.86 -4.19
N GLY A 31 -12.40 8.70 -3.36
CA GLY A 31 -12.64 7.43 -2.69
C GLY A 31 -11.71 7.12 -1.55
N ILE A 32 -10.88 8.07 -1.13
CA ILE A 32 -9.88 7.86 -0.09
C ILE A 32 -10.16 8.80 1.06
N LYS A 33 -10.17 8.28 2.29
CA LYS A 33 -10.47 9.07 3.46
C LYS A 33 -9.18 9.34 4.24
N GLN A 34 -9.23 10.35 5.11
CA GLN A 34 -8.05 10.74 5.86
C GLN A 34 -7.64 9.63 6.83
N CYS A 35 -6.33 9.42 6.97
CA CYS A 35 -5.83 8.36 7.84
C CYS A 35 -6.18 8.65 9.30
N GLU A 36 -6.72 7.64 9.98
CA GLU A 36 -6.90 7.65 11.41
C GLU A 36 -5.58 7.35 12.12
N GLY A 37 -5.54 7.59 13.42
CA GLY A 37 -4.37 7.21 14.19
C GLY A 37 -4.10 5.73 14.09
N ASN A 38 -2.84 5.36 13.83
CA ASN A 38 -2.44 3.95 13.70
C ASN A 38 -3.25 3.22 12.65
N PHE A 39 -3.28 3.78 11.44
CA PHE A 39 -4.13 3.23 10.39
C PHE A 39 -3.65 1.88 9.89
N ASN A 40 -2.39 1.52 10.13
CA ASN A 40 -1.84 0.26 9.67
C ASN A 40 -2.12 -0.89 10.63
N LEU A 41 -2.63 -0.60 11.82
CA LEU A 41 -3.02 -1.64 12.75
C LEU A 41 -4.43 -2.15 12.49
N THR A 42 -4.99 -1.82 11.33
CA THR A 42 -6.21 -2.46 10.83
C THR A 42 -5.84 -3.78 10.18
N GLU A 43 -6.63 -4.82 10.47
CA GLU A 43 -6.46 -6.10 9.77
C GLU A 43 -7.27 -6.15 8.48
N ASP A 44 -7.62 -5.00 7.94
CA ASP A 44 -8.30 -4.88 6.66
C ASP A 44 -7.41 -4.11 5.70
N GLY A 45 -7.59 -4.33 4.41
CA GLY A 45 -6.89 -3.51 3.42
C GLY A 45 -7.42 -2.08 3.46
N VAL A 46 -6.49 -1.11 3.40
CA VAL A 46 -6.89 0.29 3.47
C VAL A 46 -6.00 1.14 2.57
N ALA A 47 -6.59 2.23 2.08
CA ALA A 47 -5.88 3.34 1.45
C ALA A 47 -6.40 4.62 2.07
N CYS A 48 -5.51 5.45 2.59
CA CYS A 48 -5.92 6.69 3.24
C CYS A 48 -4.91 7.80 2.90
N TYR A 49 -5.28 9.05 3.25
CA TYR A 49 -4.45 10.21 2.93
C TYR A 49 -4.11 11.02 4.18
N THR A 50 -2.95 11.69 4.14
CA THR A 50 -2.67 12.79 5.06
C THR A 50 -2.32 14.02 4.25
N ILE A 51 -2.57 15.18 4.84
CA ILE A 51 -2.22 16.45 4.22
C ILE A 51 -1.11 17.08 5.06
N ASN A 52 -0.12 17.64 4.39
CA ASN A 52 0.99 18.37 5.01
C ASN A 52 1.14 19.63 4.17
N GLY A 53 0.60 20.73 4.66
CA GLY A 53 0.52 21.95 3.90
C GLY A 53 -0.50 21.88 2.79
N ASP A 54 -0.02 21.87 1.54
CA ASP A 54 -0.86 21.73 0.36
C ASP A 54 -0.50 20.48 -0.42
N ASP A 55 0.43 19.67 0.08
CA ASP A 55 0.79 18.39 -0.51
C ASP A 55 0.03 17.28 0.20
N VAL A 56 -0.55 16.37 -0.58
CA VAL A 56 -1.28 15.24 -0.04
C VAL A 56 -0.45 13.99 -0.25
N THR A 57 -0.52 13.07 0.71
CA THR A 57 0.17 11.79 0.63
C THR A 57 -0.83 10.68 0.86
N VAL A 58 -0.87 9.72 -0.06
CA VAL A 58 -1.80 8.60 0.01
C VAL A 58 -1.00 7.36 0.38
N TYR A 59 -1.50 6.61 1.35
CA TYR A 59 -0.90 5.35 1.76
C TYR A 59 -1.78 4.20 1.34
N LEU A 60 -1.14 3.05 1.11
CA LEU A 60 -1.81 1.81 0.79
C LEU A 60 -1.28 0.72 1.72
N ASP A 61 -2.17 0.07 2.45
CA ASP A 61 -1.81 -1.07 3.29
C ASP A 61 -2.77 -2.20 2.95
N THR A 62 -2.35 -3.06 2.04
CA THR A 62 -3.12 -4.23 1.63
C THR A 62 -2.66 -5.45 2.43
N LYS A 63 -3.61 -6.15 3.01
CA LYS A 63 -3.33 -7.29 3.88
C LYS A 63 -3.56 -8.60 3.15
N PHE A 64 -2.93 -9.66 3.64
CA PHE A 64 -2.99 -10.98 3.04
C PHE A 64 -3.23 -12.04 4.10
N ALA A 65 -3.99 -13.08 3.73
CA ALA A 65 -4.13 -14.23 4.61
C ALA A 65 -2.82 -15.02 4.71
N TYR A 66 -2.76 -15.87 5.71
CA TYR A 66 -1.54 -16.59 6.05
C TYR A 66 -1.05 -17.43 4.87
N ASP A 67 0.20 -17.22 4.46
CA ASP A 67 0.90 -17.97 3.43
C ASP A 67 0.34 -17.71 2.04
N LYS A 68 -0.48 -16.67 1.87
CA LYS A 68 -1.12 -16.36 0.60
C LYS A 68 -0.52 -15.12 -0.02
N ALA A 69 -0.47 -15.12 -1.35
CA ALA A 69 -0.10 -13.92 -2.10
C ALA A 69 -1.24 -13.45 -2.99
N THR A 70 -2.44 -13.99 -2.76
CA THR A 70 -3.64 -13.63 -3.49
C THR A 70 -4.31 -12.42 -2.86
N LEU A 71 -4.88 -11.55 -3.71
CA LEU A 71 -5.59 -10.37 -3.24
C LEU A 71 -7.03 -10.71 -2.94
N ASN A 72 -7.60 -10.05 -1.93
CA ASN A 72 -9.02 -10.16 -1.65
C ASN A 72 -9.74 -8.91 -2.15
N ALA A 73 -11.06 -8.88 -1.94
CA ALA A 73 -11.87 -7.79 -2.46
C ALA A 73 -11.50 -6.46 -1.81
N LYS A 74 -11.23 -6.48 -0.50
CA LYS A 74 -10.82 -5.27 0.19
C LYS A 74 -9.50 -4.74 -0.36
N GLY A 75 -8.51 -5.61 -0.49
CA GLY A 75 -7.27 -5.21 -1.14
C GLY A 75 -7.52 -4.62 -2.52
N LYS A 76 -8.32 -5.28 -3.34
CA LYS A 76 -8.52 -4.80 -4.71
C LYS A 76 -9.24 -3.46 -4.73
N LYS A 77 -10.23 -3.27 -3.87
CA LYS A 77 -10.87 -1.96 -3.81
C LYS A 77 -9.85 -0.89 -3.47
N ALA A 78 -9.03 -1.12 -2.45
CA ALA A 78 -8.03 -0.13 -2.05
C ALA A 78 -7.07 0.16 -3.20
N ILE A 79 -6.55 -0.88 -3.85
CA ILE A 79 -5.56 -0.68 -4.90
C ILE A 79 -6.15 0.16 -6.03
N ALA A 80 -7.38 -0.16 -6.42
CA ALA A 80 -8.03 0.57 -7.51
C ALA A 80 -8.09 2.06 -7.24
N SER A 81 -8.44 2.44 -6.01
CA SER A 81 -8.48 3.85 -5.66
C SER A 81 -7.08 4.44 -5.60
N PHE A 82 -6.12 3.66 -5.09
CA PHE A 82 -4.73 4.08 -5.10
C PHE A 82 -4.27 4.40 -6.53
N VAL A 83 -4.59 3.50 -7.47
CA VAL A 83 -4.17 3.70 -8.85
C VAL A 83 -4.87 4.90 -9.47
N ASN A 84 -6.16 5.06 -9.16
CA ASN A 84 -6.93 6.19 -9.68
C ASN A 84 -6.29 7.53 -9.29
N PHE A 85 -5.70 7.58 -8.10
CA PHE A 85 -4.99 8.79 -7.68
C PHE A 85 -3.69 8.97 -8.44
N ILE A 86 -2.96 7.88 -8.66
CA ILE A 86 -1.71 7.94 -9.41
C ILE A 86 -1.98 8.43 -10.84
N LYS A 87 -3.00 7.89 -11.49
CA LYS A 87 -3.29 8.32 -12.86
C LYS A 87 -3.78 9.76 -12.91
N ASP A 88 -4.44 10.23 -11.86
CA ASP A 88 -4.93 11.60 -11.87
C ASP A 88 -3.85 12.58 -11.47
N SER A 89 -2.98 12.20 -10.53
CA SER A 89 -1.88 13.06 -10.12
C SER A 89 -0.73 13.06 -11.11
N ASN A 90 -0.82 12.27 -12.18
CA ASN A 90 0.27 12.10 -13.13
C ASN A 90 1.58 11.76 -12.40
N ILE A 91 1.46 10.88 -11.40
CA ILE A 91 2.62 10.50 -10.59
C ILE A 91 3.54 9.59 -11.40
N SER A 92 4.84 9.79 -11.23
CA SER A 92 5.85 9.15 -12.07
C SER A 92 5.97 7.66 -11.77
N SER A 93 6.30 7.31 -10.52
CA SER A 93 6.61 5.93 -10.17
C SER A 93 6.15 5.63 -8.75
N VAL A 94 5.89 4.36 -8.49
CA VAL A 94 5.43 3.88 -7.18
C VAL A 94 6.25 2.66 -6.79
N THR A 95 6.75 2.66 -5.56
CA THR A 95 7.44 1.51 -5.01
C THR A 95 6.47 0.69 -4.20
N VAL A 96 6.32 -0.58 -4.55
CA VAL A 96 5.40 -1.50 -3.91
C VAL A 96 6.21 -2.47 -3.05
N LYS A 97 6.04 -2.39 -1.73
CA LYS A 97 6.85 -3.14 -0.77
C LYS A 97 6.02 -4.25 -0.13
N GLY A 98 6.51 -5.48 -0.21
CA GLY A 98 5.84 -6.63 0.36
C GLY A 98 6.49 -7.08 1.66
N TYR A 99 5.67 -7.58 2.58
CA TYR A 99 6.16 -8.01 3.88
C TYR A 99 5.51 -9.33 4.27
N ALA A 100 6.07 -9.95 5.31
CA ALA A 100 5.56 -11.20 5.82
C ALA A 100 5.57 -11.16 7.35
N SER A 101 4.82 -12.07 7.95
CA SER A 101 4.95 -12.26 9.39
C SER A 101 6.01 -13.33 9.66
N GLN A 102 6.61 -13.27 10.83
CA GLN A 102 7.55 -14.32 11.24
C GLN A 102 6.75 -15.31 12.07
N GLY A 103 6.41 -16.45 11.47
CA GLY A 103 5.56 -17.41 12.15
C GLY A 103 6.29 -18.28 13.14
N GLN A 104 7.60 -18.46 12.98
CA GLN A 104 8.35 -19.41 13.79
C GLN A 104 9.61 -18.75 14.32
N THR A 105 10.03 -19.20 15.50
CA THR A 105 10.97 -18.48 16.34
C THR A 105 12.39 -18.41 15.78
N GLY A 106 12.73 -19.19 14.75
CA GLY A 106 14.10 -19.11 14.26
C GLY A 106 14.32 -18.40 12.93
N SER A 107 15.20 -18.94 12.08
CA SER A 107 15.42 -18.39 10.75
C SER A 107 15.23 -19.42 9.65
N GLU A 108 14.65 -20.59 9.97
CA GLU A 108 14.41 -21.62 8.96
C GLU A 108 13.66 -21.07 7.75
N PHE A 109 12.80 -20.07 7.94
CA PHE A 109 11.87 -19.64 6.92
C PHE A 109 12.11 -18.20 6.49
N ASP A 110 13.33 -17.69 6.69
CA ASP A 110 13.60 -16.32 6.29
C ASP A 110 13.58 -16.18 4.76
N ILE A 111 14.23 -17.10 4.03
CA ILE A 111 14.20 -17.00 2.57
C ILE A 111 12.81 -17.32 2.04
N TYR A 112 12.14 -18.33 2.60
CA TYR A 112 10.75 -18.60 2.26
C TYR A 112 9.91 -17.33 2.34
N ASN A 113 10.00 -16.61 3.45
CA ASN A 113 9.12 -15.47 3.65
C ASN A 113 9.56 -14.26 2.83
N GLN A 114 10.85 -14.16 2.54
CA GLN A 114 11.31 -13.19 1.57
C GLN A 114 10.65 -13.42 0.22
N LYS A 115 10.63 -14.67 -0.23
CA LYS A 115 10.02 -14.96 -1.52
C LYS A 115 8.52 -14.66 -1.47
N LEU A 116 7.87 -15.12 -0.39
CA LEU A 116 6.46 -14.84 -0.18
C LEU A 116 6.18 -13.34 -0.32
N SER A 117 6.99 -12.53 0.35
CA SER A 117 6.74 -11.08 0.33
C SER A 117 6.94 -10.51 -1.06
N GLU A 118 7.93 -10.99 -1.78
CA GLU A 118 8.11 -10.61 -3.18
C GLU A 118 6.89 -10.97 -4.01
N LYS A 119 6.33 -12.15 -3.78
CA LYS A 119 5.14 -12.58 -4.50
C LYS A 119 3.95 -11.69 -4.18
N ARG A 120 3.88 -11.17 -2.95
CA ARG A 120 2.81 -10.28 -2.58
C ARG A 120 2.93 -8.94 -3.32
N ALA A 121 4.13 -8.34 -3.29
CA ALA A 121 4.38 -7.14 -4.06
C ALA A 121 4.08 -7.34 -5.54
N GLN A 122 4.45 -8.50 -6.08
CA GLN A 122 4.20 -8.76 -7.50
C GLN A 122 2.71 -8.87 -7.78
N ALA A 123 1.96 -9.49 -6.87
CA ALA A 123 0.52 -9.53 -6.97
C ALA A 123 -0.06 -8.14 -7.05
N VAL A 124 0.28 -7.28 -6.08
CA VAL A 124 -0.25 -5.92 -6.06
C VAL A 124 0.04 -5.24 -7.39
N ALA A 125 1.29 -5.37 -7.88
CA ALA A 125 1.70 -4.68 -9.09
C ALA A 125 0.97 -5.23 -10.30
N ASP A 126 0.74 -6.55 -10.34
CA ASP A 126 0.00 -7.14 -11.45
C ASP A 126 -1.38 -6.51 -11.57
N TYR A 127 -2.09 -6.38 -10.45
CA TYR A 127 -3.44 -5.81 -10.48
C TYR A 127 -3.41 -4.35 -10.93
N MET A 128 -2.44 -3.58 -10.44
CA MET A 128 -2.27 -2.21 -10.89
C MET A 128 -2.18 -2.16 -12.41
N LYS A 129 -1.48 -3.11 -13.01
CA LYS A 129 -1.34 -3.14 -14.45
C LYS A 129 -2.67 -3.44 -15.13
N GLN A 130 -3.45 -4.37 -14.57
CA GLN A 130 -4.78 -4.65 -15.10
C GLN A 130 -5.62 -3.38 -15.14
N LEU A 131 -5.44 -2.50 -14.16
CA LEU A 131 -6.21 -1.27 -14.03
C LEU A 131 -5.80 -0.17 -15.00
N GLY A 132 -4.85 -0.41 -15.90
CA GLY A 132 -4.45 0.60 -16.85
C GLY A 132 -3.24 1.42 -16.48
N LEU A 133 -2.49 1.01 -15.45
CA LEU A 133 -1.24 1.64 -15.08
C LEU A 133 -0.09 0.89 -15.74
N ASP A 134 0.91 1.63 -16.19
CA ASP A 134 1.95 1.05 -17.02
C ASP A 134 3.08 0.45 -16.17
N SER A 135 3.57 -0.72 -16.60
CA SER A 135 4.48 -1.52 -15.79
C SER A 135 5.79 -0.80 -15.49
N GLU A 136 6.19 0.15 -16.34
CA GLU A 136 7.41 0.90 -16.10
C GLU A 136 7.28 1.83 -14.90
N LYS A 137 6.08 2.29 -14.59
CA LYS A 137 5.89 3.14 -13.44
C LYS A 137 5.92 2.38 -12.11
N ILE A 138 6.30 1.10 -12.10
CA ILE A 138 6.09 0.26 -10.91
C ILE A 138 7.37 -0.46 -10.54
N ILE A 139 7.77 -0.32 -9.28
CA ILE A 139 8.94 -0.97 -8.71
C ILE A 139 8.50 -1.81 -7.53
N THR A 140 8.95 -3.06 -7.47
CA THR A 140 8.57 -3.98 -6.41
C THR A 140 9.79 -4.38 -5.60
N LYS A 141 9.58 -4.46 -4.28
CA LYS A 141 10.57 -4.86 -3.28
C LYS A 141 9.90 -5.80 -2.30
N GLY A 142 10.60 -6.86 -1.92
CA GLY A 142 10.19 -7.74 -0.83
C GLY A 142 11.09 -7.53 0.37
N PHE A 143 10.54 -7.71 1.56
CA PHE A 143 11.33 -7.53 2.76
C PHE A 143 11.26 -8.72 3.70
N GLY A 144 10.48 -9.74 3.37
CA GLY A 144 10.33 -10.85 4.29
C GLY A 144 9.71 -10.37 5.59
N TYR A 145 10.03 -11.08 6.66
CA TYR A 145 9.57 -10.68 7.98
C TYR A 145 10.53 -9.69 8.66
N ASN A 146 11.18 -8.82 7.90
CA ASN A 146 11.84 -7.67 8.48
C ASN A 146 10.90 -6.48 8.42
N ASP A 147 11.26 -5.40 9.12
CA ASP A 147 10.40 -4.22 9.20
C ASP A 147 8.97 -4.60 9.60
N THR A 148 8.83 -5.53 10.54
CA THR A 148 7.50 -5.82 11.03
C THR A 148 6.94 -4.60 11.74
N LEU A 149 5.62 -4.52 11.81
CA LEU A 149 4.99 -3.31 12.33
C LEU A 149 5.31 -3.11 13.80
N GLY A 150 5.48 -1.86 14.19
CA GLY A 150 5.79 -1.55 15.56
C GLY A 150 4.56 -1.71 16.44
N GLY A 151 4.79 -2.24 17.64
CA GLY A 151 3.75 -2.38 18.64
C GLY A 151 3.03 -3.71 18.64
N ILE A 152 3.27 -4.58 17.66
CA ILE A 152 2.61 -5.87 17.62
C ILE A 152 3.67 -6.96 17.54
N HIS A 153 3.26 -8.19 17.83
CA HIS A 153 4.17 -9.32 17.74
C HIS A 153 4.55 -9.55 16.28
N LYS A 154 5.76 -10.09 16.08
CA LYS A 154 6.23 -10.32 14.72
C LYS A 154 5.39 -11.33 13.95
N SER A 155 4.66 -12.21 14.65
CA SER A 155 3.85 -13.22 14.01
C SER A 155 2.43 -12.76 13.76
N ASP A 156 2.13 -11.50 14.01
CA ASP A 156 0.79 -10.99 13.86
C ASP A 156 0.42 -10.99 12.37
N PRO A 157 -0.77 -11.48 12.00
CA PRO A 157 -1.14 -11.46 10.57
C PRO A 157 -1.16 -10.07 9.98
N ARG A 158 -1.23 -9.02 10.79
CA ARG A 158 -1.19 -7.69 10.20
C ARG A 158 0.17 -7.39 9.55
N ASN A 159 1.23 -8.12 9.91
CA ASN A 159 2.51 -7.93 9.21
C ASN A 159 2.47 -8.47 7.79
N GLN A 160 1.54 -9.37 7.50
CA GLN A 160 1.37 -10.00 6.19
C GLN A 160 0.70 -9.00 5.24
N ARG A 161 1.51 -8.23 4.50
CA ARG A 161 0.98 -7.03 3.86
C ARG A 161 1.90 -6.50 2.76
N VAL A 162 1.33 -5.61 1.94
CA VAL A 162 2.03 -4.80 0.97
C VAL A 162 1.76 -3.34 1.30
N GLU A 163 2.80 -2.51 1.22
CA GLU A 163 2.70 -1.09 1.51
C GLU A 163 3.23 -0.26 0.36
N ALA A 164 2.66 0.94 0.20
CA ALA A 164 3.16 1.92 -0.74
C ALA A 164 2.63 3.30 -0.34
N SER A 165 3.39 4.34 -0.69
CA SER A 165 2.96 5.71 -0.47
C SER A 165 3.47 6.59 -1.58
N VAL A 166 2.60 7.50 -2.05
CA VAL A 166 2.95 8.49 -3.07
C VAL A 166 2.44 9.85 -2.61
N SER A 167 3.08 10.92 -3.12
CA SER A 167 2.72 12.27 -2.76
C SER A 167 2.53 13.11 -4.02
N ALA A 168 1.72 14.12 -3.89
CA ALA A 168 1.48 15.01 -5.01
C ALA A 168 0.82 16.28 -4.48
N PRO A 169 0.98 17.41 -5.15
CA PRO A 169 0.25 18.61 -4.72
C PRO A 169 -1.26 18.39 -4.80
N LEU A 170 -1.99 19.14 -3.99
CA LEU A 170 -3.45 19.07 -4.03
C LEU A 170 -3.97 19.77 -5.27
N LYS A 171 -4.89 19.12 -5.96
CA LYS A 171 -5.40 19.63 -7.23
C LYS A 171 -6.48 20.67 -7.00
N GLU A 172 -6.45 21.75 -7.80
CA GLU A 172 -7.51 22.74 -7.76
C GLU A 172 -8.77 22.20 -8.42
N ALA A 173 -9.93 22.56 -7.87
CA ALA A 173 -11.18 21.93 -8.29
C ALA A 173 -11.56 22.36 -9.70
N ASN A 174 -12.00 21.39 -10.50
CA ASN A 174 -12.42 21.64 -11.89
C ASN A 174 -13.30 20.51 -12.40
N1 EPE B . 5.11 -22.77 6.67
C2 EPE B . 3.76 -22.34 6.26
C3 EPE B . 3.16 -23.44 5.41
N4 EPE B . 3.99 -23.74 4.26
C5 EPE B . 5.44 -23.73 4.44
C6 EPE B . 5.96 -22.72 5.47
C7 EPE B . 3.44 -24.63 3.26
C8 EPE B . 3.15 -23.96 1.90
O8 EPE B . 4.35 -23.50 1.29
C9 EPE B . 5.61 -21.94 7.78
C10 EPE B . 6.08 -20.55 7.34
S EPE B . 6.19 -19.42 8.76
O1S EPE B . 4.87 -19.39 9.37
O2S EPE B . 6.54 -18.06 8.36
O3S EPE B . 7.19 -19.91 9.74
OH2 1PE C . 3.34 -19.05 -6.15
C12 1PE C . 2.08 -18.70 -5.53
C22 1PE C . 1.93 -19.38 -4.18
OH3 1PE C . 2.60 -18.66 -3.13
C13 1PE C . 3.57 -18.86 -0.90
C23 1PE C . 2.70 -19.49 -1.98
OH4 1PE C . 4.92 -18.82 -1.34
C14 1PE C . 7.25 -19.21 -0.75
C24 1PE C . 5.80 -19.15 -0.27
OH5 1PE C . 7.35 -19.55 -2.14
C15 1PE C . 8.90 -19.73 -4.02
C25 1PE C . 8.69 -19.90 -2.51
OH6 1PE C . 8.14 -20.69 -4.76
C16 1PE C . 6.77 -21.13 -6.70
C26 1PE C . 7.87 -20.26 -6.10
OH7 1PE C . 5.70 -21.32 -5.75
N DAL D . 4.85 -15.81 7.58
CA DAL D . 3.55 -16.12 7.01
CB DAL D . 3.58 -17.46 6.27
C DAL D . 3.02 -15.01 6.10
O DAL D . 1.99 -15.22 5.46
OXT DAL D . 3.59 -13.91 5.99
#